data_1SW6
#
_entry.id   1SW6
#
_cell.length_a   76.850
_cell.length_b   91.730
_cell.length_c   90.400
_cell.angle_alpha   90.00
_cell.angle_beta   90.00
_cell.angle_gamma   90.00
#
_symmetry.space_group_name_H-M   'P 21 21 21'
#
loop_
_entity.id
_entity.type
_entity.pdbx_description
1 polymer 'REGULATORY PROTEIN SWI6'
2 water water
#
_entity_poly.entity_id   1
_entity_poly.type   'polypeptide(L)'
_entity_poly.pdbx_seq_one_letter_code
;NDDINKGPSGDNENNGTDDNDRTAGPIITFTHDLTSDFLSSPLKIMKALPSPVVNDNEQKMKLEAFLQRLLFPEIQEMPT
SLNNDSSNRNSEGGSSNQQQQHVSFDSLLQEVNDAFPNTQLNLNIPVDEHGNTPLHWLTSIANLELVKHLVKHGSNRLYG
DNMGESCLVKAVKSVNNYDSGTFEALLDYLYPCLILEDSMNRTILHHIIITSGMTGCSAAAKYYLDILMGWIVKKQNRPI
QSGTNEKESKPNDKNGERKDSILENLDLKWIIANMLNAQDSNGDTCLNIAARLGNISIVDALLDYGADPFIANKSGLRPV
DFGAGLE
;
_entity_poly.pdbx_strand_id   A,B
#
# COMPACT_ATOMS: atom_id res chain seq x y z
N GLY A 25 4.83 -31.04 11.72
CA GLY A 25 5.46 -31.32 10.39
C GLY A 25 6.90 -30.87 10.28
N PRO A 26 7.63 -31.27 9.22
CA PRO A 26 9.03 -30.86 9.08
C PRO A 26 9.20 -29.46 8.50
N ILE A 27 10.34 -28.87 8.78
CA ILE A 27 10.67 -27.55 8.28
C ILE A 27 11.52 -27.73 7.03
N ILE A 28 10.97 -27.34 5.88
CA ILE A 28 11.70 -27.46 4.63
C ILE A 28 12.61 -26.24 4.53
N THR A 29 13.91 -26.46 4.38
CA THR A 29 14.87 -25.37 4.34
C THR A 29 15.52 -25.06 3.00
N PHE A 30 16.01 -23.83 2.86
CA PHE A 30 16.68 -23.36 1.65
C PHE A 30 17.88 -22.51 2.08
N THR A 31 18.96 -22.54 1.31
CA THR A 31 20.15 -21.76 1.67
C THR A 31 20.72 -20.85 0.58
N HIS A 32 20.06 -20.81 -0.57
CA HIS A 32 20.53 -19.97 -1.67
C HIS A 32 20.83 -18.54 -1.21
N ASP A 33 20.11 -18.06 -0.20
CA ASP A 33 20.29 -16.70 0.30
C ASP A 33 21.05 -16.63 1.61
N LEU A 34 21.43 -17.80 2.13
CA LEU A 34 22.13 -17.88 3.39
C LEU A 34 23.57 -18.36 3.22
N THR A 35 24.39 -17.57 2.55
CA THR A 35 25.77 -17.94 2.33
C THR A 35 26.74 -17.11 3.16
N SER A 36 26.31 -15.88 3.51
CA SER A 36 27.13 -14.96 4.30
C SER A 36 27.88 -15.63 5.45
N ASP A 37 28.98 -14.99 5.87
CA ASP A 37 29.80 -15.51 6.95
C ASP A 37 29.28 -15.13 8.33
N PHE A 38 28.69 -13.93 8.45
CA PHE A 38 28.14 -13.50 9.73
C PHE A 38 27.12 -14.54 10.17
N LEU A 39 26.62 -15.31 9.18
CA LEU A 39 25.63 -16.34 9.41
C LEU A 39 26.27 -17.59 10.02
N SER A 40 27.58 -17.71 9.89
CA SER A 40 28.31 -18.85 10.43
C SER A 40 28.70 -18.59 11.88
N SER A 41 29.32 -17.44 12.12
CA SER A 41 29.77 -17.05 13.46
C SER A 41 28.58 -17.10 14.44
N PRO A 42 28.82 -16.89 15.75
CA PRO A 42 27.70 -16.94 16.69
C PRO A 42 26.55 -16.06 16.19
N LEU A 43 25.37 -16.64 16.08
CA LEU A 43 24.19 -15.93 15.60
C LEU A 43 23.98 -14.57 16.27
N LYS A 44 23.88 -13.53 15.46
CA LYS A 44 23.68 -12.18 15.96
C LYS A 44 22.76 -11.44 15.01
N ILE A 45 22.11 -10.39 15.50
CA ILE A 45 21.21 -9.60 14.68
C ILE A 45 21.99 -9.02 13.51
N MET A 46 21.36 -8.96 12.35
CA MET A 46 21.99 -8.49 11.14
C MET A 46 21.09 -7.44 10.46
N LYS A 47 21.70 -6.53 9.70
CA LYS A 47 20.88 -5.55 9.01
C LYS A 47 20.39 -6.21 7.74
N ALA A 48 19.17 -5.90 7.33
CA ALA A 48 18.63 -6.49 6.11
C ALA A 48 19.53 -6.07 4.96
N LEU A 49 19.66 -6.91 3.95
CA LEU A 49 20.49 -6.57 2.81
C LEU A 49 19.92 -5.32 2.13
N PRO A 50 20.80 -4.45 1.61
CA PRO A 50 20.34 -3.23 0.96
C PRO A 50 19.50 -3.55 -0.27
N SER A 51 18.47 -2.75 -0.51
CA SER A 51 17.61 -2.96 -1.66
C SER A 51 18.51 -2.97 -2.88
N PRO A 52 18.47 -4.06 -3.66
CA PRO A 52 19.32 -4.15 -4.85
C PRO A 52 19.05 -3.03 -5.86
N VAL A 53 20.12 -2.45 -6.39
CA VAL A 53 19.99 -1.39 -7.37
C VAL A 53 20.08 -2.02 -8.76
N VAL A 54 19.03 -2.75 -9.11
CA VAL A 54 18.97 -3.44 -10.39
C VAL A 54 19.29 -2.51 -11.56
N ASN A 55 20.16 -2.99 -12.43
CA ASN A 55 20.58 -2.25 -13.61
C ASN A 55 19.69 -2.55 -14.81
N ASP A 56 19.62 -3.82 -15.20
CA ASP A 56 18.80 -4.22 -16.35
C ASP A 56 17.34 -3.83 -16.17
N ASN A 57 16.94 -2.73 -16.80
CA ASN A 57 15.57 -2.24 -16.73
C ASN A 57 14.57 -3.19 -17.36
N GLU A 58 15.02 -3.98 -18.32
CA GLU A 58 14.12 -4.93 -18.97
C GLU A 58 13.85 -6.13 -18.08
N GLN A 59 14.77 -6.46 -17.18
CA GLN A 59 14.55 -7.57 -16.27
C GLN A 59 13.41 -7.16 -15.36
N LYS A 60 13.40 -5.88 -14.99
CA LYS A 60 12.36 -5.35 -14.12
C LYS A 60 11.00 -5.40 -14.79
N MET A 61 10.95 -4.96 -16.05
CA MET A 61 9.70 -4.98 -16.81
C MET A 61 9.16 -6.40 -16.87
N LYS A 62 10.05 -7.37 -17.04
CA LYS A 62 9.65 -8.76 -17.11
C LYS A 62 9.14 -9.22 -15.74
N LEU A 63 9.90 -8.90 -14.69
CA LEU A 63 9.50 -9.29 -13.34
C LEU A 63 8.13 -8.66 -13.03
N GLU A 64 7.99 -7.39 -13.37
CA GLU A 64 6.73 -6.68 -13.14
C GLU A 64 5.60 -7.40 -13.85
N ALA A 65 5.87 -7.93 -15.05
CA ALA A 65 4.86 -8.64 -15.81
C ALA A 65 4.47 -9.93 -15.10
N PHE A 66 5.47 -10.75 -14.81
CA PHE A 66 5.27 -12.01 -14.12
C PHE A 66 4.49 -11.80 -12.82
N LEU A 67 4.81 -10.74 -12.10
CA LEU A 67 4.17 -10.44 -10.84
C LEU A 67 2.69 -10.13 -10.98
N GLN A 68 2.31 -9.44 -12.05
CA GLN A 68 0.90 -9.11 -12.27
C GLN A 68 0.10 -10.35 -12.68
N ARG A 69 0.76 -11.28 -13.36
CA ARG A 69 0.10 -12.52 -13.78
C ARG A 69 -0.18 -13.40 -12.57
N LEU A 70 0.60 -13.24 -11.51
CA LEU A 70 0.39 -14.01 -10.30
C LEU A 70 -0.78 -13.42 -9.54
N LEU A 71 -0.76 -12.10 -9.38
CA LEU A 71 -1.81 -11.38 -8.66
C LEU A 71 -3.15 -11.40 -9.41
N PHE A 72 -3.10 -11.52 -10.73
CA PHE A 72 -4.33 -11.55 -11.52
C PHE A 72 -4.28 -12.61 -12.61
N SER A 104 -0.91 -23.47 -11.94
CA SER A 104 0.45 -24.00 -11.76
C SER A 104 1.51 -22.90 -11.80
N PHE A 105 2.33 -22.85 -10.76
CA PHE A 105 3.38 -21.85 -10.69
C PHE A 105 4.36 -22.11 -11.83
N ASP A 106 4.61 -23.38 -12.10
CA ASP A 106 5.54 -23.77 -13.16
C ASP A 106 5.10 -23.34 -14.56
N SER A 107 3.80 -23.42 -14.82
CA SER A 107 3.29 -23.02 -16.13
C SER A 107 3.48 -21.52 -16.32
N LEU A 108 3.04 -20.74 -15.32
CA LEU A 108 3.18 -19.28 -15.38
C LEU A 108 4.63 -18.90 -15.60
N LEU A 109 5.53 -19.75 -15.12
CA LEU A 109 6.95 -19.51 -15.26
C LEU A 109 7.39 -19.62 -16.73
N GLN A 110 6.95 -20.68 -17.40
CA GLN A 110 7.32 -20.88 -18.82
C GLN A 110 6.54 -19.87 -19.66
N GLU A 111 5.35 -19.51 -19.19
CA GLU A 111 4.50 -18.55 -19.90
C GLU A 111 5.15 -17.17 -20.01
N VAL A 112 5.71 -16.69 -18.90
CA VAL A 112 6.34 -15.37 -18.89
C VAL A 112 7.69 -15.37 -19.59
N ASN A 113 8.37 -16.50 -19.61
CA ASN A 113 9.66 -16.59 -20.27
C ASN A 113 9.48 -16.57 -21.79
N ASP A 114 8.28 -16.92 -22.24
CA ASP A 114 7.97 -16.91 -23.66
C ASP A 114 7.67 -15.50 -24.10
N ALA A 115 6.83 -14.81 -23.31
CA ALA A 115 6.46 -13.43 -23.61
C ALA A 115 7.72 -12.57 -23.58
N PHE A 116 8.67 -12.96 -22.73
CA PHE A 116 9.94 -12.25 -22.60
C PHE A 116 11.08 -13.24 -22.83
N PRO A 117 11.19 -13.79 -24.05
CA PRO A 117 12.25 -14.75 -24.39
C PRO A 117 13.57 -14.02 -24.55
N ASN A 118 13.48 -12.70 -24.48
CA ASN A 118 14.61 -11.79 -24.64
C ASN A 118 15.39 -11.50 -23.35
N THR A 119 14.70 -11.52 -22.21
CA THR A 119 15.33 -11.22 -20.93
C THR A 119 15.21 -12.40 -19.96
N GLN A 120 16.13 -12.49 -19.01
CA GLN A 120 16.07 -13.57 -18.03
C GLN A 120 15.26 -13.13 -16.82
N LEU A 121 14.49 -14.06 -16.25
CA LEU A 121 13.67 -13.77 -15.07
C LEU A 121 14.53 -13.65 -13.83
N ASN A 122 14.45 -12.51 -13.16
CA ASN A 122 15.21 -12.25 -11.94
C ASN A 122 14.21 -11.86 -10.86
N LEU A 123 14.07 -12.70 -9.83
CA LEU A 123 13.12 -12.45 -8.75
C LEU A 123 13.60 -11.47 -7.68
N ASN A 124 14.87 -11.10 -7.72
CA ASN A 124 15.42 -10.21 -6.72
C ASN A 124 15.64 -8.77 -7.20
N ILE A 125 14.54 -8.16 -7.66
CA ILE A 125 14.54 -6.79 -8.17
C ILE A 125 13.42 -6.01 -7.49
N PRO A 126 13.71 -4.77 -7.05
CA PRO A 126 12.61 -4.02 -6.42
C PRO A 126 11.53 -3.84 -7.48
N VAL A 127 10.26 -3.95 -7.09
CA VAL A 127 9.16 -3.84 -8.03
C VAL A 127 8.39 -2.52 -7.94
N ASP A 128 8.70 -1.70 -6.94
CA ASP A 128 8.00 -0.44 -6.81
C ASP A 128 8.91 0.65 -6.27
N GLU A 129 8.29 1.76 -5.91
CA GLU A 129 8.96 2.94 -5.38
C GLU A 129 9.60 2.75 -4.00
N HIS A 130 8.98 1.93 -3.16
CA HIS A 130 9.48 1.72 -1.81
C HIS A 130 10.55 0.62 -1.69
N GLY A 131 10.95 0.03 -2.81
CA GLY A 131 11.95 -1.01 -2.75
C GLY A 131 11.38 -2.39 -2.42
N ASN A 132 10.07 -2.55 -2.57
CA ASN A 132 9.44 -3.84 -2.31
C ASN A 132 9.88 -4.84 -3.37
N THR A 133 10.22 -6.05 -2.94
CA THR A 133 10.60 -7.11 -3.86
C THR A 133 9.29 -7.88 -4.00
N PRO A 134 9.20 -8.84 -4.94
CA PRO A 134 7.94 -9.57 -5.05
C PRO A 134 7.58 -10.23 -3.71
N LEU A 135 8.59 -10.70 -2.99
CA LEU A 135 8.38 -11.35 -1.72
C LEU A 135 7.66 -10.46 -0.69
N HIS A 136 7.97 -9.17 -0.68
CA HIS A 136 7.33 -8.24 0.24
C HIS A 136 5.83 -8.13 -0.07
N TRP A 137 5.52 -7.96 -1.35
CA TRP A 137 4.13 -7.82 -1.80
C TRP A 137 3.30 -9.05 -1.45
N LEU A 138 3.84 -10.21 -1.80
CA LEU A 138 3.14 -11.47 -1.56
C LEU A 138 3.00 -11.85 -0.08
N THR A 139 3.97 -11.43 0.73
CA THR A 139 3.92 -11.72 2.16
C THR A 139 2.92 -10.78 2.84
N SER A 140 2.90 -9.54 2.38
CA SER A 140 2.00 -8.53 2.96
C SER A 140 0.54 -8.94 2.76
N ILE A 141 0.33 -9.75 1.74
CA ILE A 141 -0.99 -10.21 1.36
C ILE A 141 -1.31 -11.62 1.84
N ALA A 142 -0.43 -12.16 2.66
CA ALA A 142 -0.59 -13.49 3.22
C ALA A 142 -0.74 -14.59 2.17
N ASN A 143 -0.17 -14.39 0.98
CA ASN A 143 -0.27 -15.44 -0.02
C ASN A 143 0.84 -16.45 0.22
N LEU A 144 0.65 -17.29 1.23
CA LEU A 144 1.62 -18.30 1.62
C LEU A 144 2.13 -19.17 0.47
N GLU A 145 1.21 -19.70 -0.33
CA GLU A 145 1.62 -20.58 -1.42
C GLU A 145 2.59 -19.93 -2.38
N LEU A 146 2.28 -18.71 -2.81
CA LEU A 146 3.20 -18.07 -3.73
C LEU A 146 4.54 -17.74 -3.04
N VAL A 147 4.52 -17.41 -1.76
CA VAL A 147 5.77 -17.13 -1.04
C VAL A 147 6.68 -18.36 -1.06
N LYS A 148 6.10 -19.53 -0.82
CA LYS A 148 6.89 -20.76 -0.80
C LYS A 148 7.50 -21.05 -2.17
N HIS A 149 6.71 -20.86 -3.22
CA HIS A 149 7.18 -21.07 -4.58
C HIS A 149 8.31 -20.09 -4.92
N LEU A 150 8.17 -18.83 -4.52
CA LEU A 150 9.21 -17.85 -4.82
C LEU A 150 10.50 -18.15 -4.06
N VAL A 151 10.37 -18.61 -2.82
CA VAL A 151 11.54 -18.93 -2.04
C VAL A 151 12.25 -20.10 -2.72
N LYS A 152 11.51 -21.18 -2.95
CA LYS A 152 12.07 -22.36 -3.61
C LYS A 152 12.75 -22.02 -4.93
N HIS A 153 12.31 -20.95 -5.59
CA HIS A 153 12.87 -20.57 -6.87
C HIS A 153 13.96 -19.51 -6.84
N GLY A 154 14.51 -19.22 -5.66
CA GLY A 154 15.59 -18.26 -5.58
C GLY A 154 15.38 -16.92 -4.92
N SER A 155 14.13 -16.55 -4.64
CA SER A 155 13.90 -15.26 -4.01
C SER A 155 14.69 -15.14 -2.72
N ASN A 156 15.49 -14.08 -2.63
CA ASN A 156 16.31 -13.82 -1.45
C ASN A 156 15.41 -13.23 -0.38
N ARG A 157 15.35 -13.90 0.77
CA ARG A 157 14.49 -13.46 1.85
C ARG A 157 15.10 -12.38 2.73
N LEU A 158 16.39 -12.09 2.54
CA LEU A 158 17.06 -11.11 3.37
C LEU A 158 17.00 -9.65 2.93
N TYR A 159 16.50 -9.39 1.73
CA TYR A 159 16.44 -8.02 1.22
C TYR A 159 15.48 -7.08 1.95
N GLY A 160 15.98 -5.94 2.37
CA GLY A 160 15.14 -4.96 3.03
C GLY A 160 14.62 -4.01 1.96
N ASP A 161 13.53 -3.30 2.25
CA ASP A 161 13.01 -2.34 1.29
C ASP A 161 13.81 -1.06 1.55
N ASN A 162 13.38 0.07 1.00
CA ASN A 162 14.13 1.31 1.18
C ASN A 162 14.25 1.74 2.64
N MET A 163 13.43 1.15 3.50
CA MET A 163 13.46 1.45 4.93
C MET A 163 14.25 0.35 5.64
N GLY A 164 14.68 -0.66 4.88
CA GLY A 164 15.42 -1.76 5.45
C GLY A 164 14.48 -2.79 6.05
N GLU A 165 13.20 -2.66 5.72
CA GLU A 165 12.19 -3.58 6.21
C GLU A 165 12.16 -4.85 5.37
N SER A 166 12.24 -6.00 6.04
CA SER A 166 12.23 -7.30 5.37
C SER A 166 10.81 -7.70 4.98
N CYS A 167 10.69 -8.80 4.26
CA CYS A 167 9.37 -9.28 3.85
C CYS A 167 8.57 -9.78 5.04
N LEU A 168 9.25 -10.37 6.01
CA LEU A 168 8.54 -10.86 7.19
C LEU A 168 7.97 -9.66 7.96
N VAL A 169 8.66 -8.53 7.92
CA VAL A 169 8.18 -7.32 8.58
C VAL A 169 6.82 -6.91 8.00
N LYS A 170 6.61 -7.17 6.70
CA LYS A 170 5.34 -6.85 6.05
C LYS A 170 4.23 -7.71 6.63
N ALA A 171 4.57 -8.94 6.99
CA ALA A 171 3.59 -9.85 7.58
C ALA A 171 3.06 -9.29 8.87
N VAL A 172 3.90 -8.62 9.66
CA VAL A 172 3.40 -8.10 10.92
C VAL A 172 2.89 -6.67 10.89
N LYS A 173 2.97 -6.03 9.73
CA LYS A 173 2.46 -4.66 9.61
C LYS A 173 1.07 -4.61 8.97
N SER A 174 0.54 -5.79 8.61
CA SER A 174 -0.81 -5.89 8.04
C SER A 174 -1.55 -7.02 8.78
N VAL A 175 -2.89 -6.98 8.75
CA VAL A 175 -3.66 -7.99 9.46
C VAL A 175 -3.91 -9.22 8.62
N ASN A 176 -3.47 -9.15 7.37
CA ASN A 176 -3.66 -10.24 6.42
C ASN A 176 -3.26 -11.64 6.88
N ASN A 177 -2.10 -11.77 7.52
CA ASN A 177 -1.64 -13.09 7.94
C ASN A 177 -2.39 -13.62 9.16
N TYR A 178 -2.96 -12.71 9.94
CA TYR A 178 -3.75 -13.12 11.11
C TYR A 178 -5.13 -13.57 10.60
N ASP A 179 -5.77 -12.73 9.79
CA ASP A 179 -7.08 -13.07 9.26
C ASP A 179 -7.04 -14.38 8.50
N SER A 180 -5.95 -14.60 7.77
CA SER A 180 -5.81 -15.82 6.98
C SER A 180 -5.22 -17.00 7.75
N GLY A 181 -4.77 -16.75 8.98
CA GLY A 181 -4.20 -17.82 9.78
C GLY A 181 -3.00 -18.51 9.13
N THR A 182 -2.21 -17.75 8.38
CA THR A 182 -1.04 -18.32 7.70
C THR A 182 0.28 -17.97 8.38
N PHE A 183 0.24 -17.10 9.39
CA PHE A 183 1.47 -16.67 10.06
C PHE A 183 2.40 -17.77 10.57
N GLU A 184 1.87 -18.72 11.34
CA GLU A 184 2.73 -19.76 11.88
C GLU A 184 3.39 -20.58 10.79
N ALA A 185 2.63 -20.90 9.74
CA ALA A 185 3.20 -21.67 8.63
C ALA A 185 4.22 -20.80 7.88
N LEU A 186 3.95 -19.50 7.83
CA LEU A 186 4.87 -18.57 7.15
C LEU A 186 6.28 -18.55 7.80
N LEU A 187 6.33 -18.71 9.11
CA LEU A 187 7.61 -18.70 9.80
C LEU A 187 8.52 -19.84 9.35
N ASP A 188 7.94 -20.98 8.94
CA ASP A 188 8.78 -22.09 8.48
C ASP A 188 9.62 -21.69 7.27
N TYR A 189 9.09 -20.77 6.47
CA TYR A 189 9.80 -20.30 5.28
C TYR A 189 10.49 -18.94 5.44
N LEU A 190 10.08 -18.13 6.41
CA LEU A 190 10.70 -16.80 6.57
C LEU A 190 11.46 -16.55 7.87
N TYR A 191 11.69 -17.59 8.68
CA TYR A 191 12.42 -17.43 9.95
C TYR A 191 13.78 -16.74 9.79
N PRO A 192 14.45 -16.89 8.63
CA PRO A 192 15.74 -16.21 8.53
C PRO A 192 15.61 -14.71 8.74
N CYS A 193 14.45 -14.14 8.42
CA CYS A 193 14.21 -12.71 8.59
C CYS A 193 14.16 -12.29 10.06
N LEU A 194 13.87 -13.24 10.95
CA LEU A 194 13.79 -12.94 12.37
C LEU A 194 15.06 -12.30 12.93
N ILE A 195 16.20 -12.53 12.29
CA ILE A 195 17.44 -11.95 12.81
C ILE A 195 17.78 -10.60 12.19
N LEU A 196 16.90 -10.10 11.33
CA LEU A 196 17.13 -8.82 10.65
C LEU A 196 16.55 -7.58 11.34
N GLU A 197 17.31 -6.49 11.32
CA GLU A 197 16.86 -5.20 11.88
C GLU A 197 16.85 -4.22 10.70
N ASP A 198 15.95 -3.25 10.73
CA ASP A 198 15.87 -2.29 9.63
C ASP A 198 16.76 -1.07 9.84
N SER A 199 16.59 -0.05 9.00
CA SER A 199 17.39 1.16 9.09
C SER A 199 17.23 1.92 10.41
N MET A 200 16.26 1.52 11.21
CA MET A 200 16.00 2.14 12.51
C MET A 200 16.42 1.15 13.60
N ASN A 201 17.16 0.12 13.20
CA ASN A 201 17.59 -0.93 14.11
C ASN A 201 16.37 -1.53 14.81
N ARG A 202 15.24 -1.55 14.11
CA ARG A 202 14.03 -2.12 14.67
C ARG A 202 13.88 -3.57 14.23
N THR A 203 13.61 -4.44 15.21
CA THR A 203 13.46 -5.86 14.96
C THR A 203 12.01 -6.17 14.62
N ILE A 204 11.73 -7.46 14.39
CA ILE A 204 10.38 -7.89 14.07
C ILE A 204 9.46 -7.59 15.25
N LEU A 205 9.99 -7.67 16.48
CA LEU A 205 9.18 -7.39 17.66
C LEU A 205 8.81 -5.92 17.75
N HIS A 206 9.71 -5.04 17.33
CA HIS A 206 9.40 -3.62 17.39
C HIS A 206 8.22 -3.34 16.48
N HIS A 207 8.23 -3.95 15.30
CA HIS A 207 7.16 -3.74 14.34
C HIS A 207 5.84 -4.32 14.79
N ILE A 208 5.87 -5.48 15.45
CA ILE A 208 4.63 -6.10 15.94
C ILE A 208 3.96 -5.11 16.89
N ILE A 209 4.74 -4.62 17.84
CA ILE A 209 4.24 -3.66 18.80
C ILE A 209 3.78 -2.37 18.13
N ILE A 210 4.56 -1.85 17.18
CA ILE A 210 4.14 -0.63 16.49
C ILE A 210 2.76 -0.84 15.88
N THR A 211 2.55 -2.03 15.35
CA THR A 211 1.27 -2.36 14.73
C THR A 211 0.15 -2.45 15.75
N SER A 212 0.45 -3.03 16.90
CA SER A 212 -0.55 -3.17 17.95
C SER A 212 -1.21 -1.84 18.29
N GLY A 213 -0.54 -0.75 17.98
CA GLY A 213 -1.09 0.57 18.29
C GLY A 213 -2.07 1.10 17.26
N MET A 214 -2.03 0.55 16.05
CA MET A 214 -2.91 0.97 14.96
C MET A 214 -4.32 0.43 15.17
N THR A 215 -5.31 1.29 14.93
CA THR A 215 -6.70 0.91 15.09
C THR A 215 -7.07 -0.38 14.36
N GLY A 216 -7.75 -1.28 15.06
CA GLY A 216 -8.15 -2.54 14.48
C GLY A 216 -7.04 -3.58 14.25
N CYS A 217 -5.83 -3.28 14.70
CA CYS A 217 -4.73 -4.21 14.50
C CYS A 217 -4.18 -4.77 15.82
N SER A 218 -4.86 -4.45 16.91
CA SER A 218 -4.49 -4.89 18.26
C SER A 218 -4.52 -6.43 18.36
N ALA A 219 -5.58 -7.05 17.84
CA ALA A 219 -5.72 -8.50 17.87
C ALA A 219 -4.62 -9.18 17.07
N ALA A 220 -4.37 -8.69 15.86
CA ALA A 220 -3.33 -9.26 14.99
C ALA A 220 -1.95 -9.26 15.65
N ALA A 221 -1.58 -8.14 16.25
CA ALA A 221 -0.27 -8.03 16.89
C ALA A 221 -0.14 -8.98 18.08
N LYS A 222 -1.21 -9.16 18.85
CA LYS A 222 -1.15 -10.07 19.97
C LYS A 222 -0.90 -11.46 19.41
N TYR A 223 -1.66 -11.79 18.37
CA TYR A 223 -1.55 -13.08 17.69
C TYR A 223 -0.16 -13.33 17.15
N TYR A 224 0.41 -12.33 16.47
CA TYR A 224 1.75 -12.45 15.90
C TYR A 224 2.80 -12.71 16.98
N LEU A 225 2.72 -11.95 18.06
CA LEU A 225 3.66 -12.10 19.16
C LEU A 225 3.61 -13.49 19.77
N ASP A 226 2.41 -13.98 20.09
CA ASP A 226 2.28 -15.30 20.70
C ASP A 226 2.68 -16.43 19.75
N ILE A 227 2.28 -16.32 18.48
CA ILE A 227 2.63 -17.35 17.51
C ILE A 227 4.16 -17.41 17.36
N LEU A 228 4.81 -16.25 17.33
CA LEU A 228 6.27 -16.22 17.20
C LEU A 228 6.96 -16.92 18.38
N MET A 229 6.54 -16.61 19.60
CA MET A 229 7.14 -17.24 20.78
C MET A 229 6.88 -18.75 20.77
N GLY A 230 5.64 -19.16 20.51
CA GLY A 230 5.33 -20.57 20.46
C GLY A 230 6.15 -21.29 19.38
N TRP A 231 6.29 -20.65 18.22
CA TRP A 231 7.05 -21.23 17.12
C TRP A 231 8.50 -21.51 17.51
N ILE A 232 9.11 -20.57 18.22
CA ILE A 232 10.48 -20.74 18.62
C ILE A 232 10.63 -21.96 19.54
N VAL A 233 9.74 -22.12 20.50
CA VAL A 233 9.84 -23.25 21.43
C VAL A 233 9.37 -24.58 20.83
N LYS A 234 8.40 -24.56 19.92
CA LYS A 234 7.92 -25.80 19.32
C LYS A 234 8.82 -26.37 18.22
N LYS A 235 9.61 -25.54 17.55
CA LYS A 235 10.44 -26.06 16.47
C LYS A 235 11.55 -26.99 16.94
N GLN A 236 11.89 -26.90 18.23
CA GLN A 236 12.94 -27.73 18.83
C GLN A 236 12.69 -29.21 18.58
N ASN A 237 11.42 -29.61 18.54
CA ASN A 237 11.04 -31.01 18.29
C ASN A 237 10.50 -31.18 16.87
N ARG A 238 11.20 -30.60 15.90
CA ARG A 238 10.73 -30.72 14.52
C ARG A 238 11.83 -31.10 13.55
N PRO A 239 11.60 -32.16 12.75
CA PRO A 239 12.61 -32.60 11.78
C PRO A 239 12.89 -31.49 10.77
N ILE A 240 14.08 -31.52 10.19
CA ILE A 240 14.46 -30.51 9.21
C ILE A 240 14.95 -31.17 7.92
N GLN A 241 14.22 -30.97 6.82
CA GLN A 241 14.63 -31.55 5.56
C GLN A 241 14.87 -30.45 4.52
N SER A 242 15.93 -30.60 3.74
CA SER A 242 16.27 -29.63 2.70
C SER A 242 15.36 -29.80 1.50
N GLY A 243 14.57 -28.77 1.20
CA GLY A 243 13.65 -28.85 0.07
C GLY A 243 14.24 -28.36 -1.24
N ASP A 260 20.94 -25.99 9.11
CA ASP A 260 20.89 -24.53 9.04
C ASP A 260 21.53 -23.92 10.30
N SER A 261 22.59 -23.14 10.12
CA SER A 261 23.25 -22.50 11.25
C SER A 261 22.28 -21.59 11.97
N ILE A 262 21.41 -20.93 11.21
CA ILE A 262 20.42 -20.02 11.80
C ILE A 262 19.34 -20.79 12.51
N LEU A 263 18.68 -21.68 11.77
CA LEU A 263 17.60 -22.46 12.34
C LEU A 263 18.04 -23.14 13.64
N GLU A 264 19.26 -23.67 13.65
CA GLU A 264 19.77 -24.34 14.83
C GLU A 264 20.02 -23.40 16.00
N ASN A 265 20.68 -22.27 15.74
CA ASN A 265 20.99 -21.32 16.80
C ASN A 265 19.83 -20.41 17.22
N LEU A 266 18.72 -20.49 16.48
CA LEU A 266 17.55 -19.68 16.80
C LEU A 266 16.67 -20.40 17.81
N ASP A 267 16.84 -20.09 19.10
CA ASP A 267 16.03 -20.73 20.13
C ASP A 267 15.51 -19.71 21.14
N LEU A 268 14.82 -20.20 22.17
CA LEU A 268 14.24 -19.32 23.16
C LEU A 268 15.26 -18.40 23.83
N LYS A 269 16.39 -18.96 24.29
CA LYS A 269 17.36 -18.11 24.94
C LYS A 269 17.95 -17.07 23.97
N TRP A 270 18.01 -17.41 22.68
CA TRP A 270 18.54 -16.45 21.71
C TRP A 270 17.56 -15.29 21.58
N ILE A 271 16.27 -15.61 21.53
CA ILE A 271 15.22 -14.59 21.40
C ILE A 271 15.27 -13.66 22.60
N ILE A 272 15.32 -14.25 23.80
CA ILE A 272 15.39 -13.47 25.03
C ILE A 272 16.64 -12.60 25.07
N ALA A 273 17.80 -13.17 24.78
CA ALA A 273 19.03 -12.39 24.84
C ALA A 273 19.28 -11.40 23.70
N ASN A 274 18.76 -11.68 22.50
CA ASN A 274 19.00 -10.82 21.35
C ASN A 274 17.86 -10.01 20.77
N MET A 275 16.63 -10.39 21.08
CA MET A 275 15.53 -9.66 20.49
C MET A 275 14.57 -9.02 21.46
N LEU A 276 14.13 -9.79 22.45
CA LEU A 276 13.15 -9.33 23.41
C LEU A 276 13.43 -7.95 23.99
N ASN A 277 14.67 -7.72 24.42
CA ASN A 277 15.04 -6.45 25.02
C ASN A 277 15.98 -5.60 24.15
N ALA A 278 15.99 -5.86 22.84
CA ALA A 278 16.83 -5.12 21.92
C ALA A 278 16.36 -3.65 21.81
N GLN A 279 17.30 -2.74 21.65
CA GLN A 279 16.96 -1.33 21.55
C GLN A 279 17.12 -0.83 20.13
N ASP A 280 16.16 -0.02 19.66
CA ASP A 280 16.24 0.52 18.31
C ASP A 280 17.11 1.78 18.35
N SER A 281 17.07 2.57 17.28
CA SER A 281 17.89 3.77 17.18
C SER A 281 17.57 4.86 18.20
N ASN A 282 16.36 4.85 18.74
CA ASN A 282 15.97 5.83 19.75
C ASN A 282 16.34 5.25 21.10
N GLY A 283 16.76 3.99 21.10
CA GLY A 283 17.13 3.33 22.34
C GLY A 283 15.92 2.70 23.01
N ASP A 284 14.83 2.58 22.27
CA ASP A 284 13.58 1.99 22.77
C ASP A 284 13.52 0.49 22.56
N THR A 285 13.01 -0.20 23.57
CA THR A 285 12.80 -1.64 23.46
C THR A 285 11.34 -1.69 22.97
N CYS A 286 10.89 -2.82 22.47
CA CYS A 286 9.52 -2.89 22.01
C CYS A 286 8.60 -2.61 23.21
N LEU A 287 9.05 -3.00 24.40
CA LEU A 287 8.26 -2.76 25.60
C LEU A 287 8.07 -1.27 25.87
N ASN A 288 9.13 -0.48 25.64
CA ASN A 288 9.09 0.96 25.88
C ASN A 288 8.16 1.65 24.88
N ILE A 289 8.14 1.16 23.64
CA ILE A 289 7.26 1.70 22.60
C ILE A 289 5.83 1.33 23.00
N ALA A 290 5.66 0.13 23.52
CA ALA A 290 4.36 -0.35 23.94
C ALA A 290 3.81 0.41 25.14
N ALA A 291 4.67 0.74 26.09
CA ALA A 291 4.24 1.46 27.29
C ALA A 291 3.69 2.83 26.91
N ARG A 292 4.28 3.43 25.89
CA ARG A 292 3.85 4.74 25.41
C ARG A 292 2.53 4.69 24.64
N LEU A 293 2.25 3.57 23.99
CA LEU A 293 1.00 3.41 23.24
C LEU A 293 -0.18 3.28 24.21
N GLY A 294 0.06 2.75 25.39
CA GLY A 294 -0.99 2.62 26.37
C GLY A 294 -1.78 1.32 26.33
N ASN A 295 -1.74 0.63 25.19
CA ASN A 295 -2.44 -0.65 25.04
C ASN A 295 -1.90 -1.64 26.06
N ILE A 296 -2.60 -1.78 27.18
CA ILE A 296 -2.18 -2.66 28.27
C ILE A 296 -2.10 -4.14 27.90
N SER A 297 -2.93 -4.57 26.96
CA SER A 297 -2.95 -5.96 26.54
C SER A 297 -1.56 -6.49 26.14
N ILE A 298 -0.92 -5.83 25.18
CA ILE A 298 0.39 -6.28 24.71
C ILE A 298 1.52 -5.93 25.69
N VAL A 299 1.30 -4.94 26.56
CA VAL A 299 2.29 -4.58 27.56
C VAL A 299 2.44 -5.75 28.54
N ASP A 300 1.31 -6.27 29.00
CA ASP A 300 1.32 -7.40 29.93
C ASP A 300 1.87 -8.66 29.29
N ALA A 301 1.51 -8.91 28.04
CA ALA A 301 2.01 -10.11 27.35
C ALA A 301 3.54 -10.07 27.32
N LEU A 302 4.10 -8.91 26.95
CA LEU A 302 5.55 -8.75 26.89
C LEU A 302 6.22 -8.88 28.25
N LEU A 303 5.58 -8.32 29.28
CA LEU A 303 6.13 -8.38 30.62
C LEU A 303 6.17 -9.84 31.07
N ASP A 304 5.11 -10.58 30.76
CA ASP A 304 5.03 -11.98 31.14
C ASP A 304 6.07 -12.83 30.41
N TYR A 305 6.59 -12.33 29.29
CA TYR A 305 7.60 -13.09 28.56
C TYR A 305 8.97 -12.71 29.12
N GLY A 306 8.97 -11.76 30.07
CA GLY A 306 10.21 -11.35 30.69
C GLY A 306 10.82 -10.03 30.22
N ALA A 307 10.09 -9.24 29.43
CA ALA A 307 10.61 -7.96 28.96
C ALA A 307 11.07 -7.10 30.14
N ASP A 308 12.25 -6.52 30.03
CA ASP A 308 12.82 -5.70 31.09
C ASP A 308 12.23 -4.27 31.09
N PRO A 309 11.44 -3.91 32.11
CA PRO A 309 10.85 -2.57 32.17
C PRO A 309 11.78 -1.45 32.65
N PHE A 310 13.05 -1.77 32.88
CA PHE A 310 13.99 -0.76 33.35
C PHE A 310 14.97 -0.23 32.29
N ILE A 311 14.98 -0.86 31.12
CA ILE A 311 15.87 -0.42 30.06
C ILE A 311 15.35 0.92 29.52
N ALA A 312 16.19 1.96 29.63
CA ALA A 312 15.82 3.30 29.19
C ALA A 312 16.23 3.61 27.76
N ASN A 313 15.56 4.59 27.17
CA ASN A 313 15.90 4.99 25.80
C ASN A 313 16.81 6.21 25.84
N LYS A 314 17.02 6.84 24.68
CA LYS A 314 17.89 8.01 24.61
C LYS A 314 17.22 9.27 25.20
N SER A 315 16.27 9.06 26.10
CA SER A 315 15.57 10.17 26.74
C SER A 315 15.46 9.86 28.22
N GLY A 316 16.26 8.90 28.67
CA GLY A 316 16.21 8.51 30.07
C GLY A 316 14.89 7.89 30.47
N LEU A 317 13.97 7.79 29.51
CA LEU A 317 12.65 7.21 29.75
C LEU A 317 12.66 5.67 29.74
N ARG A 318 11.98 5.09 30.72
CA ARG A 318 11.89 3.64 30.86
C ARG A 318 10.42 3.26 30.93
N PRO A 319 10.08 2.02 30.54
CA PRO A 319 8.68 1.58 30.59
C PRO A 319 8.02 1.79 31.94
N VAL A 320 8.78 1.63 33.03
CA VAL A 320 8.21 1.83 34.35
C VAL A 320 7.71 3.26 34.53
N ASP A 321 8.25 4.18 33.73
CA ASP A 321 7.84 5.58 33.83
C ASP A 321 6.44 5.79 33.26
N PHE A 322 5.96 4.81 32.50
CA PHE A 322 4.62 4.90 31.92
C PHE A 322 3.70 3.91 32.63
N GLY A 323 4.17 3.43 33.78
CA GLY A 323 3.39 2.51 34.58
C GLY A 323 3.41 1.06 34.13
N ALA A 324 4.41 0.69 33.34
CA ALA A 324 4.51 -0.69 32.87
C ALA A 324 5.65 -1.37 33.63
N GLY A 325 5.29 -2.30 34.51
CA GLY A 325 6.28 -3.02 35.29
C GLY A 325 6.57 -2.33 36.62
N GLY B 25 -19.40 22.82 6.36
CA GLY B 25 -18.94 23.95 5.48
C GLY B 25 -19.45 23.84 4.04
N PRO B 26 -19.36 24.94 3.26
CA PRO B 26 -19.82 24.94 1.86
C PRO B 26 -18.82 24.23 0.97
N ILE B 27 -19.29 23.70 -0.16
CA ILE B 27 -18.40 23.04 -1.09
C ILE B 27 -18.03 24.03 -2.19
N ILE B 28 -16.74 24.37 -2.27
CA ILE B 28 -16.26 25.30 -3.29
C ILE B 28 -16.29 24.56 -4.62
N THR B 29 -17.22 24.93 -5.47
CA THR B 29 -17.42 24.28 -6.76
C THR B 29 -16.79 25.01 -7.96
N PHE B 30 -16.48 24.26 -9.00
CA PHE B 30 -15.91 24.80 -10.24
C PHE B 30 -16.62 24.09 -11.39
N THR B 31 -16.74 24.76 -12.53
CA THR B 31 -17.48 24.18 -13.64
C THR B 31 -16.78 24.17 -15.00
N HIS B 32 -15.57 24.71 -15.07
CA HIS B 32 -14.82 24.77 -16.32
C HIS B 32 -14.65 23.42 -17.02
N ASP B 33 -14.62 22.33 -16.26
CA ASP B 33 -14.43 21.00 -16.85
C ASP B 33 -15.65 20.08 -16.75
N LEU B 34 -16.67 20.54 -16.04
CA LEU B 34 -17.90 19.77 -15.90
C LEU B 34 -18.91 20.29 -16.93
N THR B 35 -18.93 19.68 -18.11
CA THR B 35 -19.86 20.13 -19.13
C THR B 35 -19.93 19.10 -20.27
N SER B 36 -20.41 19.53 -21.44
CA SER B 36 -20.54 18.66 -22.59
C SER B 36 -21.70 17.70 -22.35
N ASP B 37 -21.37 16.43 -22.09
CA ASP B 37 -22.38 15.40 -21.83
C ASP B 37 -21.99 14.69 -20.53
N PHE B 38 -20.95 15.22 -19.88
CA PHE B 38 -20.44 14.66 -18.65
C PHE B 38 -21.12 15.34 -17.46
N LEU B 39 -22.12 16.17 -17.73
CA LEU B 39 -22.80 16.87 -16.66
C LEU B 39 -24.31 17.08 -16.88
N SER B 40 -24.89 16.33 -17.83
CA SER B 40 -26.31 16.46 -18.11
C SER B 40 -26.96 15.11 -18.36
N SER B 41 -26.40 14.33 -19.28
CA SER B 41 -26.93 13.02 -19.60
C SER B 41 -27.05 12.22 -18.31
N PRO B 42 -27.93 11.19 -18.28
CA PRO B 42 -28.05 10.41 -17.04
C PRO B 42 -26.66 9.96 -16.59
N LEU B 43 -26.21 10.51 -15.46
CA LEU B 43 -24.89 10.20 -14.90
C LEU B 43 -24.51 8.72 -14.93
N LYS B 44 -23.36 8.43 -15.54
CA LYS B 44 -22.83 7.07 -15.65
C LYS B 44 -21.31 7.08 -15.55
N ILE B 45 -20.72 5.89 -15.38
CA ILE B 45 -19.26 5.76 -15.31
C ILE B 45 -18.73 6.13 -16.69
N MET B 46 -17.65 6.90 -16.74
CA MET B 46 -17.06 7.29 -18.01
C MET B 46 -15.55 7.09 -17.96
N LYS B 47 -14.94 6.90 -19.12
CA LYS B 47 -13.48 6.72 -19.19
C LYS B 47 -12.83 8.07 -18.93
N ALA B 48 -11.67 8.05 -18.28
CA ALA B 48 -10.96 9.29 -18.03
C ALA B 48 -10.54 9.78 -19.41
N LEU B 49 -10.42 11.11 -19.56
CA LEU B 49 -10.02 11.67 -20.84
C LEU B 49 -8.58 11.28 -21.15
N PRO B 50 -8.27 11.04 -22.44
CA PRO B 50 -6.91 10.68 -22.86
C PRO B 50 -5.94 11.80 -22.51
N SER B 51 -4.72 11.46 -22.15
CA SER B 51 -3.76 12.49 -21.78
C SER B 51 -3.66 13.48 -22.93
N PRO B 52 -3.78 14.78 -22.63
CA PRO B 52 -3.71 15.82 -23.67
C PRO B 52 -2.44 15.75 -24.49
N VAL B 53 -2.56 16.12 -25.77
CA VAL B 53 -1.43 16.12 -26.68
C VAL B 53 -1.29 17.48 -27.34
N VAL B 54 -1.04 18.50 -26.52
CA VAL B 54 -0.88 19.86 -27.03
C VAL B 54 0.40 20.00 -27.84
N ASN B 55 0.26 20.38 -29.11
CA ASN B 55 1.39 20.57 -30.02
C ASN B 55 2.26 21.73 -29.57
N ASP B 56 1.68 22.92 -29.64
CA ASP B 56 2.33 24.17 -29.26
C ASP B 56 3.35 23.93 -28.17
N ASN B 57 4.63 23.95 -28.54
CA ASN B 57 5.70 23.73 -27.58
C ASN B 57 5.93 24.99 -26.76
N GLU B 58 5.28 26.08 -27.14
CA GLU B 58 5.42 27.33 -26.40
C GLU B 58 4.58 27.30 -25.13
N GLN B 59 3.43 26.62 -25.18
CA GLN B 59 2.57 26.52 -24.02
C GLN B 59 3.21 25.59 -23.00
N LYS B 60 3.96 24.60 -23.50
CA LYS B 60 4.65 23.66 -22.64
C LYS B 60 5.84 24.34 -21.97
N MET B 61 6.30 25.42 -22.58
CA MET B 61 7.42 26.19 -22.08
C MET B 61 6.98 27.18 -21.01
N LYS B 62 5.86 27.83 -21.25
CA LYS B 62 5.33 28.79 -20.30
C LYS B 62 4.94 28.06 -19.00
N LEU B 63 4.35 26.87 -19.14
CA LEU B 63 3.94 26.07 -17.98
C LEU B 63 5.15 25.57 -17.21
N GLU B 64 6.12 25.01 -17.94
CA GLU B 64 7.34 24.50 -17.32
C GLU B 64 7.90 25.60 -16.42
N ALA B 65 7.81 26.83 -16.91
CA ALA B 65 8.29 28.00 -16.19
C ALA B 65 7.43 28.23 -14.94
N PHE B 66 6.12 28.22 -15.13
CA PHE B 66 5.18 28.41 -14.03
C PHE B 66 5.39 27.39 -12.91
N LEU B 67 5.54 26.11 -13.27
CA LEU B 67 5.74 25.06 -12.30
C LEU B 67 7.01 25.26 -11.49
N GLN B 68 8.09 25.62 -12.16
CA GLN B 68 9.36 25.86 -11.48
C GLN B 68 9.18 26.98 -10.46
N ARG B 69 8.39 27.97 -10.83
CA ARG B 69 8.13 29.10 -9.94
C ARG B 69 7.54 28.66 -8.61
N LEU B 70 6.67 27.66 -8.64
CA LEU B 70 6.06 27.15 -7.41
C LEU B 70 7.15 26.53 -6.54
N LEU B 71 7.99 25.69 -7.16
CA LEU B 71 9.11 25.03 -6.48
C LEU B 71 9.71 23.93 -7.33
N SER B 104 2.12 34.90 -3.51
CA SER B 104 0.90 34.10 -3.60
C SER B 104 0.67 33.63 -5.04
N PHE B 105 -0.29 32.71 -5.20
CA PHE B 105 -0.63 32.15 -6.51
C PHE B 105 -1.01 33.22 -7.53
N ASP B 106 -1.96 34.07 -7.16
CA ASP B 106 -2.41 35.13 -8.05
C ASP B 106 -1.24 36.01 -8.50
N SER B 107 -0.29 36.23 -7.60
CA SER B 107 0.88 37.04 -7.90
C SER B 107 1.82 36.31 -8.85
N LEU B 108 2.10 35.05 -8.55
CA LEU B 108 2.99 34.25 -9.37
C LEU B 108 2.38 34.05 -10.76
N LEU B 109 1.05 33.99 -10.80
CA LEU B 109 0.33 33.81 -12.04
C LEU B 109 0.43 35.07 -12.91
N GLN B 110 0.19 36.23 -12.31
CA GLN B 110 0.26 37.50 -13.04
C GLN B 110 1.66 37.70 -13.61
N GLU B 111 2.67 37.20 -12.91
CA GLU B 111 4.06 37.31 -13.34
C GLU B 111 4.32 36.53 -14.61
N VAL B 112 4.08 35.23 -14.58
CA VAL B 112 4.31 34.38 -15.74
C VAL B 112 3.45 34.78 -16.94
N ASN B 113 2.27 35.35 -16.70
CA ASN B 113 1.41 35.79 -17.79
C ASN B 113 1.91 37.08 -18.44
N ASP B 114 2.72 37.84 -17.70
CA ASP B 114 3.28 39.06 -18.25
C ASP B 114 4.63 38.73 -18.92
N ALA B 115 5.30 37.70 -18.42
CA ALA B 115 6.59 37.27 -18.96
C ALA B 115 6.41 36.52 -20.28
N PHE B 116 5.30 35.78 -20.39
CA PHE B 116 4.98 35.04 -21.61
C PHE B 116 3.60 35.52 -22.06
N PRO B 117 3.52 36.75 -22.57
CA PRO B 117 2.26 37.34 -23.02
C PRO B 117 1.68 36.80 -24.32
N ASN B 118 2.48 36.06 -25.07
CA ASN B 118 2.01 35.52 -26.35
C ASN B 118 1.06 34.34 -26.27
N THR B 119 1.36 33.37 -25.41
CA THR B 119 0.50 32.20 -25.25
C THR B 119 -0.08 32.13 -23.85
N GLN B 120 -1.34 31.69 -23.74
CA GLN B 120 -1.97 31.58 -22.44
C GLN B 120 -1.44 30.37 -21.69
N LEU B 121 -1.58 30.40 -20.37
CA LEU B 121 -1.12 29.30 -19.54
C LEU B 121 -2.06 28.11 -19.75
N ASN B 122 -1.48 26.94 -20.01
CA ASN B 122 -2.29 25.74 -20.20
C ASN B 122 -1.83 24.70 -19.21
N LEU B 123 -2.56 24.57 -18.11
CA LEU B 123 -2.20 23.62 -17.08
C LEU B 123 -2.53 22.20 -17.54
N ASN B 124 -3.36 22.07 -18.56
CA ASN B 124 -3.76 20.76 -19.06
C ASN B 124 -2.83 20.11 -20.08
N ILE B 125 -1.57 19.95 -19.72
CA ILE B 125 -0.59 19.32 -20.59
C ILE B 125 0.27 18.38 -19.74
N PRO B 126 0.51 17.15 -20.22
CA PRO B 126 1.33 16.19 -19.46
C PRO B 126 2.73 16.75 -19.18
N VAL B 127 3.19 16.59 -17.93
CA VAL B 127 4.49 17.12 -17.52
C VAL B 127 5.61 16.13 -17.21
N ASP B 128 5.36 14.84 -17.37
CA ASP B 128 6.40 13.83 -17.17
C ASP B 128 6.12 12.62 -18.05
N GLU B 129 6.94 11.58 -17.93
CA GLU B 129 6.80 10.37 -18.74
C GLU B 129 5.61 9.46 -18.42
N HIS B 130 4.99 9.66 -17.27
CA HIS B 130 3.85 8.83 -16.87
C HIS B 130 2.52 9.46 -17.28
N GLY B 131 2.57 10.64 -17.89
CA GLY B 131 1.35 11.30 -18.31
C GLY B 131 0.75 12.18 -17.21
N ASN B 132 1.49 12.37 -16.11
CA ASN B 132 1.00 13.21 -15.02
C ASN B 132 0.84 14.65 -15.46
N THR B 133 -0.27 15.27 -15.07
CA THR B 133 -0.54 16.66 -15.38
C THR B 133 -0.13 17.41 -14.11
N PRO B 134 -0.13 18.75 -14.14
CA PRO B 134 0.24 19.46 -12.92
C PRO B 134 -0.63 19.04 -11.74
N LEU B 135 -1.89 18.74 -12.03
CA LEU B 135 -2.84 18.34 -10.99
C LEU B 135 -2.47 16.99 -10.36
N HIS B 136 -2.03 16.04 -11.18
CA HIS B 136 -1.62 14.74 -10.65
C HIS B 136 -0.45 14.94 -9.68
N TRP B 137 0.50 15.78 -10.07
CA TRP B 137 1.66 16.06 -9.24
C TRP B 137 1.28 16.62 -7.87
N LEU B 138 0.52 17.70 -7.88
CA LEU B 138 0.10 18.32 -6.64
C LEU B 138 -0.78 17.44 -5.77
N THR B 139 -1.58 16.59 -6.41
CA THR B 139 -2.46 15.69 -5.67
C THR B 139 -1.66 14.59 -4.97
N SER B 140 -0.61 14.09 -5.61
CA SER B 140 0.19 13.02 -5.05
C SER B 140 0.99 13.46 -3.83
N ILE B 141 1.17 14.76 -3.67
CA ILE B 141 1.92 15.27 -2.52
C ILE B 141 1.00 15.88 -1.48
N ALA B 142 -0.30 15.75 -1.69
CA ALA B 142 -1.31 16.25 -0.76
C ALA B 142 -1.30 17.76 -0.51
N ASN B 143 -1.02 18.54 -1.55
CA ASN B 143 -1.03 19.99 -1.40
C ASN B 143 -2.42 20.51 -1.78
N LEU B 144 -3.34 20.46 -0.81
CA LEU B 144 -4.72 20.90 -1.02
C LEU B 144 -4.87 22.35 -1.46
N GLU B 145 -4.02 23.23 -0.95
CA GLU B 145 -4.10 24.64 -1.33
C GLU B 145 -3.88 24.82 -2.83
N LEU B 146 -2.78 24.26 -3.32
CA LEU B 146 -2.44 24.37 -4.75
C LEU B 146 -3.41 23.61 -5.65
N VAL B 147 -3.94 22.50 -5.16
CA VAL B 147 -4.90 21.72 -5.92
C VAL B 147 -6.12 22.58 -6.23
N LYS B 148 -6.60 23.29 -5.22
CA LYS B 148 -7.76 24.15 -5.40
C LYS B 148 -7.44 25.32 -6.35
N HIS B 149 -6.21 25.82 -6.32
CA HIS B 149 -5.84 26.92 -7.20
C HIS B 149 -5.79 26.47 -8.65
N LEU B 150 -5.13 25.34 -8.89
CA LEU B 150 -5.00 24.77 -10.23
C LEU B 150 -6.36 24.48 -10.84
N VAL B 151 -7.25 23.94 -10.02
CA VAL B 151 -8.61 23.61 -10.46
C VAL B 151 -9.34 24.92 -10.75
N LYS B 152 -9.07 25.92 -9.92
CA LYS B 152 -9.67 27.24 -10.08
C LYS B 152 -9.21 27.88 -11.39
N HIS B 153 -7.95 27.68 -11.74
CA HIS B 153 -7.40 28.27 -12.95
C HIS B 153 -7.28 27.38 -14.18
N GLY B 154 -8.22 26.44 -14.36
CA GLY B 154 -8.18 25.60 -15.54
C GLY B 154 -7.85 24.12 -15.51
N SER B 155 -7.17 23.63 -14.48
CA SER B 155 -6.84 22.21 -14.43
C SER B 155 -8.10 21.35 -14.61
N ASN B 156 -8.11 20.55 -15.66
CA ASN B 156 -9.24 19.68 -15.94
C ASN B 156 -9.10 18.40 -15.11
N ARG B 157 -10.01 18.24 -14.16
CA ARG B 157 -9.98 17.08 -13.27
C ARG B 157 -10.28 15.73 -13.90
N LEU B 158 -10.78 15.71 -15.12
CA LEU B 158 -11.13 14.44 -15.78
C LEU B 158 -10.03 13.73 -16.55
N TYR B 159 -8.85 14.33 -16.59
CA TYR B 159 -7.73 13.73 -17.32
C TYR B 159 -7.07 12.54 -16.64
N GLY B 160 -6.83 11.50 -17.42
CA GLY B 160 -6.16 10.34 -16.89
C GLY B 160 -4.71 10.46 -17.31
N ASP B 161 -3.82 9.73 -16.63
CA ASP B 161 -2.40 9.75 -16.98
C ASP B 161 -2.25 8.65 -18.05
N ASN B 162 -1.04 8.12 -18.22
CA ASN B 162 -0.78 7.07 -19.22
C ASN B 162 -1.67 5.84 -19.06
N MET B 163 -2.01 5.51 -17.83
CA MET B 163 -2.85 4.34 -17.55
C MET B 163 -4.32 4.71 -17.42
N GLY B 164 -4.65 5.95 -17.75
CA GLY B 164 -6.03 6.41 -17.65
C GLY B 164 -6.47 6.64 -16.22
N GLU B 165 -5.51 6.78 -15.30
CA GLU B 165 -5.79 6.99 -13.89
C GLU B 165 -5.92 8.48 -13.55
N SER B 166 -7.03 8.87 -12.92
CA SER B 166 -7.28 10.26 -12.56
C SER B 166 -6.37 10.71 -11.42
N CYS B 167 -6.39 11.98 -11.08
CA CYS B 167 -5.55 12.45 -9.99
C CYS B 167 -6.07 11.94 -8.66
N LEU B 168 -7.36 11.57 -8.58
CA LEU B 168 -7.90 11.03 -7.33
C LEU B 168 -7.30 9.64 -7.09
N VAL B 169 -7.06 8.90 -8.17
CA VAL B 169 -6.45 7.58 -8.06
C VAL B 169 -5.04 7.77 -7.54
N LYS B 170 -4.37 8.81 -8.04
CA LYS B 170 -3.01 9.12 -7.62
C LYS B 170 -3.04 9.41 -6.11
N ALA B 171 -4.06 10.12 -5.66
CA ALA B 171 -4.20 10.43 -4.24
C ALA B 171 -4.33 9.14 -3.45
N VAL B 172 -5.26 8.28 -3.85
CA VAL B 172 -5.44 6.99 -3.19
C VAL B 172 -4.14 6.19 -3.08
N LYS B 173 -3.39 6.17 -4.17
CA LYS B 173 -2.14 5.41 -4.22
C LYS B 173 -0.97 5.97 -3.37
N SER B 174 -0.93 7.28 -3.18
CA SER B 174 0.13 7.93 -2.42
C SER B 174 -0.17 7.87 -0.92
N VAL B 175 -0.28 6.65 -0.39
CA VAL B 175 -0.60 6.40 1.02
C VAL B 175 0.35 7.01 2.05
N ASN B 176 1.49 7.53 1.59
CA ASN B 176 2.49 8.11 2.47
C ASN B 176 2.28 9.60 2.72
N ASN B 177 1.54 10.25 1.82
CA ASN B 177 1.29 11.68 1.93
C ASN B 177 -0.09 12.07 2.47
N TYR B 178 -1.03 11.13 2.49
CA TYR B 178 -2.37 11.46 2.97
C TYR B 178 -2.79 11.03 4.35
N ASP B 179 -3.71 11.82 4.88
CA ASP B 179 -4.33 11.66 6.19
C ASP B 179 -5.79 11.30 5.94
N SER B 180 -6.47 10.89 7.00
CA SER B 180 -7.88 10.56 6.90
C SER B 180 -8.59 11.92 6.70
N GLY B 181 -8.21 12.88 7.52
CA GLY B 181 -8.81 14.20 7.42
C GLY B 181 -8.50 14.89 6.09
N THR B 182 -7.26 14.75 5.65
CA THR B 182 -6.80 15.34 4.40
C THR B 182 -7.47 14.74 3.16
N PHE B 183 -7.69 13.43 3.20
CA PHE B 183 -8.33 12.76 2.08
C PHE B 183 -9.78 13.23 1.92
N GLU B 184 -10.51 13.28 3.01
CA GLU B 184 -11.91 13.70 2.94
C GLU B 184 -12.06 15.10 2.37
N ALA B 185 -11.19 16.02 2.79
CA ALA B 185 -11.22 17.40 2.28
C ALA B 185 -10.92 17.41 0.78
N LEU B 186 -10.04 16.51 0.33
CA LEU B 186 -9.71 16.43 -1.09
C LEU B 186 -10.95 16.16 -1.94
N LEU B 187 -11.89 15.39 -1.39
CA LEU B 187 -13.10 15.04 -2.12
C LEU B 187 -13.94 16.25 -2.51
N ASP B 188 -13.88 17.31 -1.72
CA ASP B 188 -14.64 18.50 -2.07
C ASP B 188 -14.23 19.01 -3.45
N TYR B 189 -12.95 18.86 -3.79
CA TYR B 189 -12.46 19.31 -5.09
C TYR B 189 -12.38 18.26 -6.19
N LEU B 190 -12.11 17.01 -5.84
CA LEU B 190 -11.98 15.98 -6.87
C LEU B 190 -13.12 14.98 -6.99
N TYR B 191 -14.28 15.32 -6.46
CA TYR B 191 -15.41 14.41 -6.56
C TYR B 191 -15.79 14.04 -7.99
N PRO B 192 -15.43 14.88 -8.99
CA PRO B 192 -15.79 14.52 -10.36
C PRO B 192 -15.10 13.24 -10.84
N CYS B 193 -13.94 12.94 -10.28
CA CYS B 193 -13.17 11.75 -10.63
C CYS B 193 -13.83 10.47 -10.15
N LEU B 194 -14.76 10.59 -9.21
CA LEU B 194 -15.44 9.41 -8.67
C LEU B 194 -16.15 8.64 -9.77
N ILE B 195 -16.47 9.29 -10.88
CA ILE B 195 -17.17 8.60 -11.97
C ILE B 195 -16.23 8.18 -13.09
N LEU B 196 -14.94 8.37 -12.90
CA LEU B 196 -13.97 8.00 -13.92
C LEU B 196 -13.53 6.55 -13.82
N GLU B 197 -13.25 5.98 -14.98
CA GLU B 197 -12.81 4.60 -15.13
C GLU B 197 -11.45 4.69 -15.84
N ASP B 198 -10.49 3.85 -15.45
CA ASP B 198 -9.18 3.89 -16.09
C ASP B 198 -9.06 2.88 -17.21
N SER B 199 -7.85 2.71 -17.72
CA SER B 199 -7.58 1.80 -18.83
C SER B 199 -7.93 0.34 -18.61
N MET B 200 -8.08 -0.07 -17.36
CA MET B 200 -8.46 -1.45 -17.07
C MET B 200 -9.87 -1.50 -16.50
N ASN B 201 -10.65 -0.47 -16.83
CA ASN B 201 -12.03 -0.35 -16.37
C ASN B 201 -12.12 -0.44 -14.86
N ARG B 202 -11.06 -0.02 -14.20
CA ARG B 202 -11.06 -0.01 -12.76
C ARG B 202 -11.62 1.32 -12.32
N THR B 203 -12.43 1.30 -11.27
CA THR B 203 -13.03 2.51 -10.72
C THR B 203 -12.20 2.93 -9.51
N ILE B 204 -12.62 4.01 -8.84
CA ILE B 204 -11.91 4.50 -7.66
C ILE B 204 -12.10 3.47 -6.51
N LEU B 205 -13.14 2.65 -6.57
CA LEU B 205 -13.33 1.63 -5.53
C LEU B 205 -12.32 0.51 -5.71
N HIS B 206 -12.07 0.12 -6.98
CA HIS B 206 -11.09 -0.93 -7.24
C HIS B 206 -9.74 -0.51 -6.65
N HIS B 207 -9.33 0.73 -6.91
CA HIS B 207 -8.06 1.23 -6.40
C HIS B 207 -8.00 1.32 -4.89
N ILE B 208 -9.08 1.80 -4.25
CA ILE B 208 -9.09 1.86 -2.79
C ILE B 208 -8.97 0.44 -2.21
N ILE B 209 -9.70 -0.50 -2.78
CA ILE B 209 -9.64 -1.87 -2.30
C ILE B 209 -8.25 -2.44 -2.56
N ILE B 210 -7.71 -2.22 -3.75
CA ILE B 210 -6.38 -2.75 -4.05
C ILE B 210 -5.33 -2.17 -3.12
N THR B 211 -5.33 -0.85 -2.98
CA THR B 211 -4.34 -0.19 -2.13
C THR B 211 -4.45 -0.57 -0.66
N SER B 212 -5.67 -0.54 -0.11
CA SER B 212 -5.85 -0.88 1.30
C SER B 212 -5.54 -2.35 1.55
N GLY B 213 -5.92 -3.24 0.63
CA GLY B 213 -5.65 -4.65 0.84
C GLY B 213 -4.17 -5.01 0.83
N MET B 214 -3.38 -4.26 0.09
CA MET B 214 -1.96 -4.51 -0.01
C MET B 214 -1.07 -3.63 0.85
N THR B 215 -1.68 -2.69 1.58
CA THR B 215 -0.88 -1.84 2.44
C THR B 215 -1.15 -2.28 3.88
N GLY B 216 -0.41 -1.71 4.82
CA GLY B 216 -0.60 -2.12 6.21
C GLY B 216 -1.56 -1.33 7.09
N CYS B 217 -1.38 -1.54 8.38
CA CYS B 217 -2.16 -0.91 9.42
C CYS B 217 -1.81 0.55 9.63
N SER B 218 -0.60 0.93 9.20
CA SER B 218 -0.16 2.31 9.35
C SER B 218 -0.55 3.21 8.19
N ALA B 219 -1.20 2.64 7.18
CA ALA B 219 -1.60 3.43 6.03
C ALA B 219 -3.04 3.95 6.14
N ALA B 220 -3.21 5.22 5.80
CA ALA B 220 -4.51 5.88 5.84
C ALA B 220 -5.53 5.26 4.89
N ALA B 221 -5.05 4.54 3.86
CA ALA B 221 -5.95 3.90 2.89
C ALA B 221 -6.99 2.99 3.53
N LYS B 222 -6.70 2.47 4.71
CA LYS B 222 -7.63 1.60 5.42
C LYS B 222 -8.94 2.33 5.73
N TYR B 223 -8.93 3.67 5.65
CA TYR B 223 -10.11 4.46 5.97
C TYR B 223 -10.84 5.08 4.79
N TYR B 224 -10.22 5.10 3.63
CA TYR B 224 -10.79 5.75 2.45
C TYR B 224 -12.20 5.31 2.03
N LEU B 225 -12.49 4.02 2.12
CA LEU B 225 -13.81 3.52 1.73
C LEU B 225 -14.90 4.15 2.59
N ASP B 226 -14.80 4.03 3.90
CA ASP B 226 -15.82 4.59 4.78
C ASP B 226 -15.87 6.12 4.68
N ILE B 227 -14.73 6.76 4.50
CA ILE B 227 -14.72 8.22 4.33
C ILE B 227 -15.46 8.62 3.07
N LEU B 228 -15.22 7.90 1.97
CA LEU B 228 -15.89 8.21 0.72
C LEU B 228 -17.41 8.06 0.80
N MET B 229 -17.87 6.96 1.40
CA MET B 229 -19.31 6.76 1.52
C MET B 229 -19.88 7.80 2.48
N GLY B 230 -19.13 8.12 3.53
CA GLY B 230 -19.58 9.13 4.48
C GLY B 230 -19.71 10.49 3.80
N TRP B 231 -18.76 10.80 2.94
CA TRP B 231 -18.76 12.07 2.22
C TRP B 231 -20.00 12.18 1.34
N ILE B 232 -20.38 11.08 0.70
CA ILE B 232 -21.55 11.09 -0.17
C ILE B 232 -22.80 11.46 0.62
N VAL B 233 -22.97 10.85 1.79
CA VAL B 233 -24.13 11.12 2.62
C VAL B 233 -24.11 12.55 3.12
N LYS B 234 -22.96 13.00 3.61
CA LYS B 234 -22.81 14.35 4.12
C LYS B 234 -23.02 15.49 3.14
N LYS B 235 -22.57 15.34 1.89
CA LYS B 235 -22.75 16.44 0.94
C LYS B 235 -24.19 16.66 0.51
N GLN B 236 -25.05 15.74 0.91
CA GLN B 236 -26.48 15.81 0.60
C GLN B 236 -27.06 17.03 1.33
N ASN B 237 -26.44 17.35 2.47
CA ASN B 237 -26.86 18.45 3.32
C ASN B 237 -25.87 19.62 3.29
N ARG B 238 -25.17 19.78 2.17
CA ARG B 238 -24.21 20.87 2.07
C ARG B 238 -24.49 21.81 0.92
N PRO B 239 -24.27 23.11 1.13
CA PRO B 239 -24.49 24.13 0.11
C PRO B 239 -23.23 24.30 -0.74
N ILE B 240 -23.40 24.74 -1.99
CA ILE B 240 -22.27 24.95 -2.89
C ILE B 240 -21.95 26.44 -3.00
N GLN B 241 -20.76 26.75 -3.46
CA GLN B 241 -20.32 28.14 -3.58
C GLN B 241 -19.16 28.22 -4.55
N SER B 242 -19.27 29.07 -5.57
CA SER B 242 -18.22 29.21 -6.58
C SER B 242 -16.88 29.64 -5.98
N GLY B 243 -15.81 29.44 -6.76
CA GLY B 243 -14.48 29.81 -6.31
C GLY B 243 -13.80 30.69 -7.33
N LYS B 259 -26.68 22.83 -8.14
CA LYS B 259 -25.56 21.88 -8.08
C LYS B 259 -25.35 21.23 -9.43
N ASP B 260 -24.10 20.90 -9.76
CA ASP B 260 -23.82 20.25 -11.03
C ASP B 260 -24.43 18.84 -11.01
N SER B 261 -24.48 18.18 -12.16
CA SER B 261 -25.07 16.85 -12.25
C SER B 261 -24.45 15.78 -11.34
N ILE B 262 -23.15 15.88 -11.05
CA ILE B 262 -22.51 14.90 -10.19
C ILE B 262 -22.91 15.07 -8.72
N LEU B 263 -22.73 16.28 -8.19
CA LEU B 263 -23.07 16.54 -6.80
C LEU B 263 -24.54 16.26 -6.54
N GLU B 264 -25.34 16.37 -7.58
CA GLU B 264 -26.77 16.15 -7.48
C GLU B 264 -27.21 14.69 -7.57
N ASN B 265 -26.65 13.96 -8.52
CA ASN B 265 -27.06 12.57 -8.73
C ASN B 265 -26.19 11.47 -8.14
N LEU B 266 -25.03 11.81 -7.61
CA LEU B 266 -24.17 10.78 -7.07
C LEU B 266 -24.50 10.52 -5.60
N ASP B 267 -25.35 9.52 -5.36
CA ASP B 267 -25.77 9.17 -4.00
C ASP B 267 -25.52 7.69 -3.70
N LEU B 268 -25.91 7.20 -2.53
CA LEU B 268 -25.64 5.79 -2.23
C LEU B 268 -26.34 4.89 -3.23
N LYS B 269 -27.52 5.32 -3.66
CA LYS B 269 -28.27 4.53 -4.63
C LYS B 269 -27.44 4.39 -5.90
N TRP B 270 -26.85 5.50 -6.33
CA TRP B 270 -26.03 5.52 -7.53
C TRP B 270 -24.79 4.64 -7.39
N ILE B 271 -24.16 4.67 -6.21
CA ILE B 271 -22.97 3.87 -5.93
C ILE B 271 -23.26 2.38 -6.08
N ILE B 272 -24.37 1.96 -5.49
CA ILE B 272 -24.75 0.57 -5.55
C ILE B 272 -24.99 0.07 -6.97
N ALA B 273 -25.62 0.90 -7.79
CA ALA B 273 -25.97 0.51 -9.15
C ALA B 273 -24.84 0.61 -10.16
N ASN B 274 -23.93 1.55 -9.98
CA ASN B 274 -22.87 1.78 -10.94
C ASN B 274 -21.45 1.47 -10.50
N MET B 275 -21.19 1.44 -9.21
CA MET B 275 -19.82 1.24 -8.79
C MET B 275 -19.52 0.02 -7.93
N LEU B 276 -20.33 -0.17 -6.89
CA LEU B 276 -20.13 -1.27 -5.97
C LEU B 276 -19.89 -2.60 -6.67
N ASN B 277 -20.63 -2.86 -7.73
CA ASN B 277 -20.45 -4.12 -8.44
C ASN B 277 -19.87 -4.04 -9.85
N ALA B 278 -19.25 -2.92 -10.18
CA ALA B 278 -18.63 -2.74 -11.49
C ALA B 278 -17.53 -3.78 -11.65
N GLN B 279 -17.26 -4.16 -12.89
CA GLN B 279 -16.22 -5.15 -13.16
C GLN B 279 -15.14 -4.53 -14.05
N ASP B 280 -13.88 -4.80 -13.73
CA ASP B 280 -12.78 -4.26 -14.52
C ASP B 280 -12.49 -5.18 -15.71
N SER B 281 -11.36 -4.94 -16.39
CA SER B 281 -10.97 -5.70 -17.57
C SER B 281 -10.86 -7.20 -17.36
N ASN B 282 -10.70 -7.62 -16.11
CA ASN B 282 -10.59 -9.03 -15.78
C ASN B 282 -11.91 -9.60 -15.25
N GLY B 283 -12.96 -8.78 -15.26
CA GLY B 283 -14.25 -9.24 -14.76
C GLY B 283 -14.34 -9.17 -13.23
N ASP B 284 -13.29 -8.65 -12.62
CA ASP B 284 -13.21 -8.55 -11.18
C ASP B 284 -14.00 -7.39 -10.58
N THR B 285 -14.83 -7.69 -9.60
CA THR B 285 -15.56 -6.66 -8.87
C THR B 285 -14.55 -6.33 -7.75
N CYS B 286 -14.67 -5.18 -7.10
CA CYS B 286 -13.68 -4.93 -6.08
C CYS B 286 -13.85 -5.92 -4.93
N LEU B 287 -15.03 -6.51 -4.80
CA LEU B 287 -15.20 -7.52 -3.75
C LEU B 287 -14.41 -8.78 -4.10
N ASN B 288 -14.35 -9.11 -5.38
CA ASN B 288 -13.60 -10.29 -5.80
C ASN B 288 -12.11 -10.08 -5.48
N ILE B 289 -11.60 -8.88 -5.75
CA ILE B 289 -10.21 -8.57 -5.47
C ILE B 289 -9.95 -8.63 -3.95
N ALA B 290 -10.87 -8.07 -3.17
CA ALA B 290 -10.73 -8.08 -1.73
C ALA B 290 -10.75 -9.51 -1.18
N ALA B 291 -11.51 -10.38 -1.82
CA ALA B 291 -11.61 -11.77 -1.37
C ALA B 291 -10.30 -12.52 -1.56
N ARG B 292 -9.46 -12.01 -2.45
CA ARG B 292 -8.18 -12.65 -2.70
C ARG B 292 -7.02 -12.02 -1.93
N LEU B 293 -7.16 -10.76 -1.51
CA LEU B 293 -6.08 -10.12 -0.78
C LEU B 293 -5.96 -10.62 0.67
N GLY B 294 -7.03 -11.15 1.23
CA GLY B 294 -6.95 -11.68 2.58
C GLY B 294 -7.20 -10.79 3.78
N ASN B 295 -7.72 -9.58 3.58
CA ASN B 295 -8.03 -8.70 4.72
C ASN B 295 -9.54 -8.86 4.87
N ILE B 296 -9.96 -9.60 5.90
CA ILE B 296 -11.38 -9.86 6.15
C ILE B 296 -12.22 -8.61 6.36
N SER B 297 -11.68 -7.62 7.06
CA SER B 297 -12.44 -6.40 7.30
C SER B 297 -12.86 -5.69 6.01
N ILE B 298 -12.05 -5.81 4.96
CA ILE B 298 -12.34 -5.16 3.68
C ILE B 298 -13.49 -5.91 3.01
N VAL B 299 -13.42 -7.24 3.06
CA VAL B 299 -14.48 -8.08 2.49
C VAL B 299 -15.82 -7.78 3.17
N ASP B 300 -15.81 -7.76 4.49
CA ASP B 300 -17.03 -7.50 5.24
C ASP B 300 -17.59 -6.12 5.01
N ALA B 301 -16.70 -5.13 4.90
CA ALA B 301 -17.14 -3.76 4.65
C ALA B 301 -17.91 -3.73 3.33
N LEU B 302 -17.34 -4.34 2.29
CA LEU B 302 -17.98 -4.37 0.99
C LEU B 302 -19.32 -5.10 1.05
N LEU B 303 -19.36 -6.24 1.72
CA LEU B 303 -20.62 -6.98 1.84
C LEU B 303 -21.67 -6.08 2.53
N ASP B 304 -21.27 -5.40 3.60
CA ASP B 304 -22.17 -4.51 4.34
C ASP B 304 -22.80 -3.45 3.46
N TYR B 305 -22.00 -2.81 2.62
CA TYR B 305 -22.52 -1.78 1.73
C TYR B 305 -23.38 -2.42 0.62
N GLY B 306 -23.31 -3.75 0.51
CA GLY B 306 -24.12 -4.43 -0.49
C GLY B 306 -23.42 -5.09 -1.68
N ALA B 307 -22.13 -5.35 -1.59
CA ALA B 307 -21.45 -5.99 -2.71
C ALA B 307 -22.02 -7.39 -2.97
N ASP B 308 -22.14 -7.74 -4.24
CA ASP B 308 -22.67 -9.04 -4.68
C ASP B 308 -21.55 -10.08 -4.73
N PRO B 309 -21.60 -11.10 -3.84
CA PRO B 309 -20.57 -12.14 -3.83
C PRO B 309 -20.74 -13.24 -4.88
N PHE B 310 -21.66 -13.06 -5.82
CA PHE B 310 -21.85 -14.09 -6.83
C PHE B 310 -21.42 -13.68 -8.24
N ILE B 311 -20.92 -12.46 -8.39
CA ILE B 311 -20.48 -12.02 -9.71
C ILE B 311 -19.06 -12.56 -9.92
N ALA B 312 -18.95 -13.52 -10.83
CA ALA B 312 -17.67 -14.15 -11.13
C ALA B 312 -16.89 -13.33 -12.14
N ASN B 313 -15.57 -13.48 -12.12
CA ASN B 313 -14.71 -12.77 -13.06
C ASN B 313 -14.55 -13.57 -14.35
N LYS B 314 -13.52 -13.23 -15.13
CA LYS B 314 -13.27 -13.91 -16.40
C LYS B 314 -12.70 -15.32 -16.22
N SER B 315 -12.20 -15.63 -15.03
CA SER B 315 -11.66 -16.95 -14.75
C SER B 315 -12.77 -17.83 -14.14
N GLY B 316 -13.98 -17.29 -14.10
CA GLY B 316 -15.09 -18.02 -13.54
C GLY B 316 -15.06 -18.13 -12.03
N LEU B 317 -14.25 -17.30 -11.39
CA LEU B 317 -14.15 -17.32 -9.93
C LEU B 317 -15.00 -16.22 -9.31
N ARG B 318 -15.64 -16.53 -8.18
CA ARG B 318 -16.51 -15.58 -7.50
C ARG B 318 -16.00 -15.34 -6.09
N PRO B 319 -16.56 -14.33 -5.40
CA PRO B 319 -16.16 -14.02 -4.02
C PRO B 319 -16.55 -15.13 -3.06
N VAL B 320 -17.71 -15.75 -3.25
CA VAL B 320 -18.13 -16.83 -2.36
C VAL B 320 -17.21 -18.04 -2.49
N ASP B 321 -16.46 -18.10 -3.59
CA ASP B 321 -15.53 -19.20 -3.78
C ASP B 321 -14.41 -19.07 -2.75
N PHE B 322 -14.15 -17.85 -2.29
CA PHE B 322 -13.09 -17.62 -1.32
C PHE B 322 -13.60 -17.50 0.11
N GLY B 323 -14.86 -17.89 0.33
CA GLY B 323 -15.42 -17.82 1.67
C GLY B 323 -16.07 -16.49 2.04
N ALA B 324 -16.18 -15.60 1.07
CA ALA B 324 -16.78 -14.29 1.28
C ALA B 324 -18.27 -14.36 0.98
N GLY B 325 -19.09 -14.10 2.00
CA GLY B 325 -20.53 -14.16 1.82
C GLY B 325 -21.15 -15.36 2.51
#